data_5VH8
#
_entry.id   5VH8
#
_entity_poly.entity_id   1
_entity_poly.type   'polyribonucleotide'
_entity_poly.pdbx_seq_one_letter_code
;GACCUGCUGCUGGUC
;
_entity_poly.pdbx_strand_id   A,B
#
loop_
_chem_comp.id
_chem_comp.type
_chem_comp.name
_chem_comp.formula
A RNA linking ADENOSINE-5'-MONOPHOSPHATE 'C10 H14 N5 O7 P'
C RNA linking CYTIDINE-5'-MONOPHOSPHATE 'C9 H14 N3 O8 P'
G RNA linking GUANOSINE-5'-MONOPHOSPHATE 'C10 H14 N5 O8 P'
U RNA linking URIDINE-5'-MONOPHOSPHATE 'C9 H13 N2 O9 P'
#